data_5FEP
#
_entry.id   5FEP
#
_cell.length_a   51.160
_cell.length_b   80.020
_cell.length_c   86.360
_cell.angle_alpha   90.00
_cell.angle_beta   90.00
_cell.angle_gamma   90.00
#
_symmetry.space_group_name_H-M   'P 21 21 21'
#
loop_
_entity.id
_entity.type
_entity.pdbx_description
1 polymer '[FeFe] hydrogenase maturase subunit HydE'
2 non-polymer 'IRON/SULFUR CLUSTER'
3 non-polymer 3-[(3-CHOLAMIDOPROPYL)DIMETHYLAMMONIO]-1-PROPANESULFONATE
4 non-polymer S-ADENOSYLMETHIONINE
5 non-polymer 'CHLORIDE ION'
6 non-polymer '(2R,4R)-2-methyl-1,3-thiazolidine-2,4-dicarboxylic acid'
7 water water
#
_entity_poly.entity_id   1
_entity_poly.type   'polypeptide(L)'
_entity_poly.pdbx_seq_one_letter_code
;MWSHPQFEKASTGREILEKLERREFTREVLKEALSINDRGFNEALFKLADEIRRKYVGDEVHIRAIIEFSNVCRKNCLYC
GLRRDNKNLKRYRMTPEEIVERARLAVQFGAKTIVLQSGEDPY(OTY)MPDVISDIVKEIKKMGVAVTLSLGEWPREYYE
KWKEAGADRYLLRHETANPVLHRKLRPDTSFENRLNCLLTLKELGYETGAGSMVGLPGQTIDDLVDDLLFLKEHDFDMVG
IGPFIPHPDTPLANEKKGDFTLTLKMVALTRILLPDSNIPATTAMGTIVPGGREITLRCGANVIMPNWTPSPYRQLYQLY
PGKISVFEKDTASIPSVMKMIELLGRKPGRDWGGRKRVFETV
;
_entity_poly.pdbx_strand_id   A
#
# COMPACT_ATOMS: atom_id res chain seq x y z
N THR A 12 23.41 5.87 -21.54
CA THR A 12 24.26 5.83 -20.34
C THR A 12 23.47 6.29 -19.15
N GLY A 13 23.80 5.70 -18.02
CA GLY A 13 23.12 6.04 -16.81
C GLY A 13 23.16 7.50 -16.55
N ARG A 14 24.28 8.19 -16.79
CA ARG A 14 24.35 9.60 -16.50
C ARG A 14 23.32 10.34 -17.28
N GLU A 15 23.10 9.97 -18.53
CA GLU A 15 22.12 10.67 -19.32
C GLU A 15 20.68 10.50 -18.83
N ILE A 16 20.31 9.32 -18.42
CA ILE A 16 18.96 9.05 -17.90
C ILE A 16 18.74 9.77 -16.61
N LEU A 17 19.75 9.76 -15.79
CA LEU A 17 19.60 10.56 -14.57
C LEU A 17 19.39 12.04 -14.82
N GLU A 18 20.10 12.58 -15.81
CA GLU A 18 19.87 13.98 -16.18
C GLU A 18 18.47 14.20 -16.65
N LYS A 19 17.90 13.30 -17.41
CA LYS A 19 16.54 13.53 -17.87
C LYS A 19 15.55 13.40 -16.77
N LEU A 20 15.84 12.42 -15.89
CA LEU A 20 14.97 12.34 -14.70
C LEU A 20 15.01 13.62 -13.87
N GLU A 21 16.19 14.17 -13.72
CA GLU A 21 16.30 15.37 -12.97
C GLU A 21 15.58 16.50 -13.64
N ARG A 22 15.50 16.49 -14.96
CA ARG A 22 14.80 17.55 -15.67
C ARG A 22 13.39 17.16 -15.97
N ARG A 23 12.93 16.06 -15.40
CA ARG A 23 11.55 15.67 -15.56
C ARG A 23 11.08 15.37 -16.95
N GLU A 24 11.95 14.74 -17.71
CA GLU A 24 11.65 14.25 -19.08
C GLU A 24 11.26 12.84 -18.91
N PHE A 25 10.02 12.69 -18.54
CA PHE A 25 9.54 11.38 -18.15
C PHE A 25 8.92 10.60 -19.27
N THR A 26 9.70 10.33 -20.28
CA THR A 26 9.21 9.63 -21.45
C THR A 26 9.21 8.13 -21.12
N ARG A 27 8.45 7.33 -21.88
CA ARG A 27 8.44 5.91 -21.72
C ARG A 27 9.83 5.36 -22.01
N GLU A 28 10.58 5.96 -22.91
CA GLU A 28 11.88 5.51 -23.17
C GLU A 28 12.83 5.74 -21.96
N VAL A 29 12.75 6.88 -21.29
CA VAL A 29 13.62 7.16 -20.14
C VAL A 29 13.30 6.21 -18.97
N LEU A 30 12.02 5.98 -18.73
CA LEU A 30 11.60 5.06 -17.65
C LEU A 30 12.00 3.64 -17.95
N LYS A 31 11.86 3.19 -19.22
CA LYS A 31 12.30 1.85 -19.53
C LYS A 31 13.80 1.67 -19.32
N GLU A 32 14.56 2.69 -19.72
N GLU A 32 14.62 2.64 -19.71
CA GLU A 32 15.99 2.62 -19.57
CA GLU A 32 16.05 2.54 -19.54
C GLU A 32 16.40 2.59 -18.10
C GLU A 32 16.45 2.58 -18.05
N ALA A 33 15.76 3.42 -17.29
CA ALA A 33 15.99 3.43 -15.84
C ALA A 33 15.73 2.07 -15.19
N LEU A 34 14.70 1.36 -15.64
CA LEU A 34 14.37 0.04 -15.10
C LEU A 34 15.25 -1.10 -15.64
N SER A 35 15.86 -0.88 -16.81
CA SER A 35 16.68 -1.89 -17.47
C SER A 35 18.15 -1.87 -17.11
N ILE A 36 18.67 -0.69 -16.74
CA ILE A 36 20.09 -0.57 -16.37
C ILE A 36 20.27 -1.16 -15.03
N ASN A 37 21.25 -2.04 -14.85
CA ASN A 37 21.48 -2.69 -13.56
C ASN A 37 22.77 -2.30 -12.91
N ASP A 38 23.39 -1.29 -13.44
CA ASP A 38 24.63 -0.80 -12.92
C ASP A 38 24.46 -0.27 -11.47
N ARG A 39 25.32 -0.74 -10.60
CA ARG A 39 25.24 -0.31 -9.22
C ARG A 39 25.33 1.19 -9.03
N GLY A 40 26.31 1.81 -9.66
CA GLY A 40 26.42 3.24 -9.59
C GLY A 40 25.16 3.95 -10.03
N PHE A 41 24.57 3.50 -11.12
CA PHE A 41 23.34 4.13 -11.57
C PHE A 41 22.22 3.95 -10.51
N ASN A 42 22.04 2.73 -10.04
CA ASN A 42 21.00 2.49 -9.10
C ASN A 42 21.16 3.32 -7.88
N GLU A 43 22.37 3.43 -7.35
CA GLU A 43 22.59 4.21 -6.17
C GLU A 43 22.29 5.69 -6.39
N ALA A 44 22.64 6.24 -7.54
CA ALA A 44 22.32 7.59 -7.89
C ALA A 44 20.85 7.81 -8.04
N LEU A 45 20.11 6.83 -8.57
CA LEU A 45 18.65 6.90 -8.67
C LEU A 45 18.01 6.96 -7.26
N PHE A 46 18.51 6.10 -6.39
CA PHE A 46 18.00 6.07 -5.03
C PHE A 46 18.29 7.36 -4.27
N LYS A 47 19.47 7.92 -4.46
N LYS A 47 19.46 7.95 -4.44
CA LYS A 47 19.82 9.19 -3.85
CA LYS A 47 19.79 9.24 -3.85
C LYS A 47 18.87 10.29 -4.36
C LYS A 47 18.87 10.33 -4.38
N LEU A 48 18.63 10.32 -5.66
CA LEU A 48 17.75 11.29 -6.24
C LEU A 48 16.37 11.20 -5.62
N ALA A 49 15.84 10.00 -5.53
CA ALA A 49 14.48 9.82 -4.95
C ALA A 49 14.44 10.21 -3.47
N ASP A 50 15.50 9.91 -2.75
CA ASP A 50 15.61 10.30 -1.32
C ASP A 50 15.62 11.81 -1.16
N GLU A 51 16.36 12.49 -2.02
N GLU A 51 16.38 12.49 -2.02
CA GLU A 51 16.44 13.93 -1.97
CA GLU A 51 16.44 13.94 -1.97
C GLU A 51 15.12 14.56 -2.36
C GLU A 51 15.13 14.59 -2.39
N ILE A 52 14.44 14.08 -3.41
CA ILE A 52 13.11 14.58 -3.78
C ILE A 52 12.11 14.41 -2.65
N ARG A 53 12.17 13.24 -1.99
CA ARG A 53 11.32 13.00 -0.82
C ARG A 53 11.61 14.05 0.24
N ARG A 54 12.85 14.28 0.61
CA ARG A 54 13.15 15.26 1.63
C ARG A 54 12.64 16.64 1.27
N LYS A 55 12.95 17.00 0.07
CA LYS A 55 12.55 18.37 -0.33
C LYS A 55 11.06 18.61 -0.36
N TYR A 56 10.27 17.63 -0.80
CA TYR A 56 8.86 17.80 -0.98
C TYR A 56 8.01 17.38 0.19
N VAL A 57 8.36 16.30 0.87
CA VAL A 57 7.52 15.79 1.98
C VAL A 57 8.27 15.78 3.31
N GLY A 58 9.52 16.23 3.33
CA GLY A 58 10.27 16.34 4.58
C GLY A 58 10.62 15.05 5.26
N ASP A 59 10.97 15.18 6.53
CA ASP A 59 11.56 14.09 7.33
C ASP A 59 10.52 13.32 8.17
N GLU A 60 9.30 13.79 8.21
CA GLU A 60 8.25 13.09 8.96
CA GLU A 60 8.22 13.09 8.92
C GLU A 60 7.89 11.78 8.20
N VAL A 61 7.82 10.72 9.00
CA VAL A 61 7.36 9.41 8.51
C VAL A 61 6.02 9.22 9.18
N HIS A 62 4.97 9.11 8.40
CA HIS A 62 3.62 8.97 8.88
C HIS A 62 3.28 7.52 9.16
N ILE A 63 2.72 7.35 10.35
CA ILE A 63 2.38 6.01 10.87
C ILE A 63 0.90 5.75 10.63
N ARG A 64 0.60 4.67 9.88
CA ARG A 64 -0.77 4.25 9.65
C ARG A 64 -0.95 2.89 10.33
N ALA A 65 -1.74 2.84 11.39
CA ALA A 65 -1.90 1.55 12.13
C ALA A 65 -2.94 0.71 11.39
N ILE A 66 -2.56 -0.48 10.95
N ILE A 66 -2.57 -0.49 10.92
CA ILE A 66 -3.47 -1.33 10.13
CA ILE A 66 -3.48 -1.35 10.13
C ILE A 66 -4.07 -2.46 10.97
C ILE A 66 -4.08 -2.46 10.98
N ILE A 67 -5.36 -2.58 10.88
CA ILE A 67 -6.11 -3.64 11.52
C ILE A 67 -6.73 -4.43 10.35
N GLU A 68 -6.24 -5.67 10.23
CA GLU A 68 -6.73 -6.63 9.20
C GLU A 68 -7.86 -7.41 9.84
N PHE A 69 -9.08 -6.96 9.71
CA PHE A 69 -10.19 -7.34 10.60
C PHE A 69 -10.95 -8.61 10.15
N SER A 70 -10.74 -9.01 8.92
CA SER A 70 -11.36 -10.25 8.38
C SER A 70 -10.51 -10.80 7.28
N ASN A 71 -10.32 -12.13 7.26
CA ASN A 71 -9.63 -12.72 6.11
C ASN A 71 -10.59 -13.49 5.19
N VAL A 72 -11.91 -13.25 5.32
CA VAL A 72 -12.94 -13.82 4.43
C VAL A 72 -12.84 -13.08 3.11
N CYS A 73 -12.84 -13.83 2.00
CA CYS A 73 -12.90 -13.19 0.70
C CYS A 73 -13.78 -13.93 -0.29
N ARG A 74 -14.53 -13.16 -1.07
CA ARG A 74 -15.40 -13.70 -2.17
C ARG A 74 -14.63 -13.83 -3.49
N LYS A 75 -13.49 -13.19 -3.65
CA LYS A 75 -12.74 -13.22 -4.86
C LYS A 75 -11.66 -14.30 -4.83
N ASN A 76 -11.08 -14.58 -6.01
CA ASN A 76 -10.22 -15.74 -6.20
C ASN A 76 -8.93 -15.37 -6.91
N CYS A 77 -8.36 -14.20 -6.54
CA CYS A 77 -7.14 -13.72 -7.19
C CYS A 77 -6.05 -14.79 -7.10
N LEU A 78 -5.34 -15.02 -8.23
CA LEU A 78 -4.46 -16.17 -8.34
C LEU A 78 -3.24 -16.10 -7.47
N TYR A 79 -2.87 -14.87 -7.11
CA TYR A 79 -1.64 -14.62 -6.27
C TYR A 79 -1.89 -14.66 -4.77
N CYS A 80 -3.16 -14.57 -4.33
CA CYS A 80 -3.41 -14.25 -2.94
C CYS A 80 -3.74 -15.42 -2.06
N GLY A 81 -3.15 -15.55 -0.89
CA GLY A 81 -3.46 -16.58 0.02
C GLY A 81 -4.87 -16.58 0.60
N LEU A 82 -5.55 -15.43 0.54
CA LEU A 82 -6.94 -15.31 1.05
C LEU A 82 -7.97 -15.67 -0.04
N ARG A 83 -7.53 -16.04 -1.24
CA ARG A 83 -8.47 -16.39 -2.33
C ARG A 83 -9.53 -17.42 -1.85
N ARG A 84 -10.73 -17.23 -2.42
CA ARG A 84 -11.84 -18.06 -1.89
C ARG A 84 -11.65 -19.57 -1.99
N ASP A 85 -10.88 -20.00 -2.98
CA ASP A 85 -10.63 -21.46 -3.18
C ASP A 85 -9.64 -22.05 -2.19
N ASN A 86 -8.95 -21.21 -1.41
CA ASN A 86 -8.02 -21.75 -0.39
C ASN A 86 -8.71 -22.26 0.83
N LYS A 87 -8.90 -23.59 0.89
CA LYS A 87 -9.53 -24.27 2.06
C LYS A 87 -8.56 -24.51 3.18
N ASN A 88 -7.28 -24.34 2.91
CA ASN A 88 -6.24 -24.57 4.01
CA ASN A 88 -6.16 -24.52 3.95
C ASN A 88 -5.85 -23.34 4.82
N LEU A 89 -6.92 -22.65 5.20
CA LEU A 89 -6.81 -21.42 5.90
C LEU A 89 -7.98 -21.24 6.82
N LYS A 90 -7.74 -21.03 8.07
CA LYS A 90 -8.77 -20.79 9.00
C LYS A 90 -9.22 -19.33 8.75
N ARG A 91 -10.47 -19.17 8.59
CA ARG A 91 -11.04 -17.87 8.41
C ARG A 91 -11.50 -17.29 9.72
N TYR A 92 -11.39 -15.93 9.81
CA TYR A 92 -11.81 -15.22 10.99
C TYR A 92 -12.47 -13.87 10.65
N ARG A 93 -13.28 -13.40 11.55
N ARG A 93 -13.35 -13.38 11.50
CA ARG A 93 -13.85 -12.07 11.53
CA ARG A 93 -13.92 -12.03 11.41
C ARG A 93 -13.82 -11.50 12.90
C ARG A 93 -13.88 -11.45 12.81
N MET A 94 -13.23 -10.28 13.04
CA MET A 94 -13.38 -9.51 14.29
C MET A 94 -14.77 -8.88 14.47
N THR A 95 -15.25 -8.76 15.65
CA THR A 95 -16.48 -8.14 15.85
C THR A 95 -16.32 -6.63 15.77
N PRO A 96 -17.43 -5.94 15.49
CA PRO A 96 -17.30 -4.49 15.48
C PRO A 96 -16.72 -3.92 16.76
N GLU A 97 -17.11 -4.43 17.91
CA GLU A 97 -16.58 -3.91 19.17
C GLU A 97 -15.09 -4.16 19.27
N GLU A 98 -14.65 -5.30 18.84
CA GLU A 98 -13.23 -5.65 18.87
C GLU A 98 -12.48 -4.72 17.95
N ILE A 99 -13.08 -4.36 16.84
CA ILE A 99 -12.38 -3.49 15.88
C ILE A 99 -12.31 -2.10 16.46
N VAL A 100 -13.40 -1.57 17.00
CA VAL A 100 -13.36 -0.21 17.56
C VAL A 100 -12.42 -0.12 18.71
N GLU A 101 -12.38 -1.12 19.61
CA GLU A 101 -11.51 -1.04 20.79
C GLU A 101 -10.07 -1.18 20.42
N ARG A 102 -9.83 -2.01 19.41
CA ARG A 102 -8.50 -2.15 18.96
C ARG A 102 -7.98 -0.88 18.27
N ALA A 103 -8.82 -0.22 17.51
CA ALA A 103 -8.53 1.15 16.99
C ALA A 103 -8.25 2.13 18.13
N ARG A 104 -9.09 2.14 19.17
N ARG A 104 -9.03 2.13 19.19
CA ARG A 104 -8.86 3.04 20.31
CA ARG A 104 -8.77 3.02 20.31
C ARG A 104 -7.51 2.76 20.92
C ARG A 104 -7.43 2.76 20.88
N LEU A 105 -7.07 1.49 21.05
CA LEU A 105 -5.76 1.20 21.63
C LEU A 105 -4.65 1.81 20.75
N ALA A 106 -4.79 1.72 19.39
CA ALA A 106 -3.79 2.30 18.52
C ALA A 106 -3.76 3.80 18.68
N VAL A 107 -4.90 4.48 18.81
CA VAL A 107 -4.93 5.94 19.08
C VAL A 107 -4.27 6.24 20.42
N GLN A 108 -4.50 5.43 21.42
N GLN A 108 -4.42 5.37 21.39
CA GLN A 108 -3.84 5.63 22.70
CA GLN A 108 -3.75 5.59 22.67
C GLN A 108 -2.33 5.50 22.56
C GLN A 108 -2.24 5.48 22.55
N PHE A 109 -1.85 4.65 21.66
CA PHE A 109 -0.43 4.45 21.37
C PHE A 109 0.14 5.56 20.45
N GLY A 110 -0.69 6.48 20.05
CA GLY A 110 -0.27 7.64 19.19
C GLY A 110 -0.55 7.54 17.69
N ALA A 111 -1.26 6.53 17.23
CA ALA A 111 -1.56 6.46 15.79
C ALA A 111 -2.52 7.59 15.48
N LYS A 112 -2.20 8.30 14.34
CA LYS A 112 -3.04 9.40 13.87
CA LYS A 112 -2.98 9.42 13.84
C LYS A 112 -3.88 9.03 12.64
N THR A 113 -3.60 7.82 12.05
CA THR A 113 -4.45 7.21 11.02
C THR A 113 -4.69 5.75 11.41
N ILE A 114 -5.92 5.30 11.29
CA ILE A 114 -6.32 3.89 11.42
C ILE A 114 -6.67 3.39 10.02
N VAL A 115 -6.05 2.32 9.59
CA VAL A 115 -6.36 1.61 8.34
C VAL A 115 -7.17 0.35 8.68
N LEU A 116 -8.33 0.21 8.08
CA LEU A 116 -9.13 -0.98 8.18
C LEU A 116 -9.01 -1.73 6.85
N GLN A 117 -8.46 -2.96 6.92
CA GLN A 117 -8.22 -3.77 5.73
C GLN A 117 -8.85 -5.15 5.93
N SER A 118 -9.37 -5.69 4.82
CA SER A 118 -9.94 -7.06 4.87
C SER A 118 -9.97 -7.65 3.47
N GLY A 119 -10.20 -8.97 3.46
CA GLY A 119 -10.65 -9.55 2.17
C GLY A 119 -11.98 -8.90 1.82
N GLU A 120 -12.44 -9.21 0.62
CA GLU A 120 -13.79 -8.78 0.20
C GLU A 120 -14.83 -9.62 0.90
N ASP A 121 -15.14 -9.31 2.14
CA ASP A 121 -16.03 -10.04 3.04
C ASP A 121 -17.39 -9.39 3.05
N PRO A 122 -18.40 -10.00 2.40
CA PRO A 122 -19.72 -9.34 2.37
C PRO A 122 -20.40 -9.01 3.72
N TYR A 123 -20.09 -9.74 4.75
N TYR A 123 -20.03 -9.70 4.73
CA TYR A 123 -20.85 -9.62 5.99
CA TYR A 123 -20.82 -9.63 5.92
C TYR A 123 -21.01 -8.22 6.50
C TYR A 123 -20.96 -8.28 6.46
N MET A 125 -20.80 -5.38 4.83
CA MET A 125 -20.92 -4.34 3.84
C MET A 125 -22.34 -4.00 3.52
N PRO A 126 -22.79 -2.71 3.51
CA PRO A 126 -21.92 -1.60 3.90
C PRO A 126 -22.14 -1.06 5.30
N ASP A 127 -23.21 -1.42 5.97
CA ASP A 127 -23.56 -0.69 7.19
C ASP A 127 -22.73 -0.97 8.42
N VAL A 128 -22.20 -2.15 8.63
CA VAL A 128 -21.39 -2.39 9.80
C VAL A 128 -20.11 -1.59 9.65
N ILE A 129 -19.50 -1.56 8.49
CA ILE A 129 -18.37 -0.70 8.25
C ILE A 129 -18.70 0.77 8.58
N SER A 130 -19.83 1.27 8.12
CA SER A 130 -20.16 2.67 8.45
C SER A 130 -20.24 2.90 9.94
N ASP A 131 -20.81 1.99 10.67
CA ASP A 131 -20.93 2.18 12.13
C ASP A 131 -19.51 2.20 12.77
N ILE A 132 -18.64 1.34 12.30
CA ILE A 132 -17.28 1.29 12.81
C ILE A 132 -16.54 2.55 12.52
N VAL A 133 -16.66 3.01 11.29
CA VAL A 133 -15.99 4.23 10.88
C VAL A 133 -16.48 5.44 11.76
N LYS A 134 -17.77 5.52 11.99
CA LYS A 134 -18.26 6.65 12.81
C LYS A 134 -17.70 6.60 14.19
N GLU A 135 -17.59 5.45 14.77
CA GLU A 135 -17.02 5.36 16.13
C GLU A 135 -15.56 5.70 16.20
N ILE A 136 -14.78 5.30 15.19
CA ILE A 136 -13.38 5.57 15.22
C ILE A 136 -13.15 7.09 14.96
N LYS A 137 -13.98 7.68 14.08
CA LYS A 137 -13.82 9.11 13.78
C LYS A 137 -14.05 9.99 15.01
N LYS A 138 -14.77 9.51 15.99
CA LYS A 138 -14.94 10.28 17.25
C LYS A 138 -13.64 10.45 18.00
N MET A 139 -12.66 9.63 17.69
N MET A 139 -12.62 9.64 17.69
CA MET A 139 -11.38 9.63 18.35
CA MET A 139 -11.31 9.66 18.34
C MET A 139 -10.43 10.71 17.77
C MET A 139 -10.38 10.68 17.72
N GLY A 140 -10.87 11.41 16.73
CA GLY A 140 -10.09 12.54 16.16
C GLY A 140 -8.88 12.16 15.34
N VAL A 141 -8.99 11.05 14.58
CA VAL A 141 -7.91 10.55 13.71
C VAL A 141 -8.48 10.33 12.33
N ALA A 142 -7.59 10.19 11.37
CA ALA A 142 -7.92 9.83 10.00
C ALA A 142 -8.31 8.32 9.96
N VAL A 143 -9.25 8.01 9.10
CA VAL A 143 -9.65 6.64 8.80
C VAL A 143 -9.40 6.35 7.32
N THR A 144 -8.71 5.25 7.07
CA THR A 144 -8.43 4.76 5.69
C THR A 144 -9.05 3.40 5.59
N LEU A 145 -9.76 3.15 4.47
CA LEU A 145 -10.35 1.83 4.21
C LEU A 145 -9.60 1.16 3.07
N SER A 146 -9.48 -0.18 3.19
CA SER A 146 -8.86 -0.98 2.12
C SER A 146 -9.66 -2.29 2.07
N LEU A 147 -10.84 -2.22 1.45
CA LEU A 147 -11.85 -3.28 1.50
C LEU A 147 -12.12 -3.92 0.11
N GLY A 148 -11.44 -3.45 -0.94
CA GLY A 148 -11.68 -3.98 -2.28
C GLY A 148 -12.70 -3.19 -3.07
N GLU A 149 -13.25 -3.92 -4.09
CA GLU A 149 -14.17 -3.34 -5.03
C GLU A 149 -15.65 -3.55 -4.60
N TRP A 150 -16.34 -2.42 -4.49
CA TRP A 150 -17.74 -2.40 -4.04
C TRP A 150 -18.51 -1.40 -4.85
N PRO A 151 -19.87 -1.47 -4.79
CA PRO A 151 -20.66 -0.46 -5.50
C PRO A 151 -20.41 0.93 -5.06
N ARG A 152 -20.53 1.85 -5.98
CA ARG A 152 -20.49 3.24 -5.61
CA ARG A 152 -20.47 3.29 -5.60
C ARG A 152 -21.28 3.67 -4.33
N GLU A 153 -22.48 3.07 -4.19
CA GLU A 153 -23.31 3.38 -3.06
C GLU A 153 -22.59 3.05 -1.76
N TYR A 154 -21.83 1.97 -1.74
CA TYR A 154 -21.11 1.63 -0.51
C TYR A 154 -20.00 2.62 -0.22
N TYR A 155 -19.24 2.95 -1.23
CA TYR A 155 -18.22 4.00 -1.12
C TYR A 155 -18.82 5.34 -0.62
N GLU A 156 -20.02 5.67 -1.13
N GLU A 156 -19.97 5.72 -1.15
CA GLU A 156 -20.64 6.94 -0.75
CA GLU A 156 -20.60 6.93 -0.72
C GLU A 156 -21.04 6.90 0.74
C GLU A 156 -21.05 6.89 0.75
N LYS A 157 -21.62 5.79 1.16
CA LYS A 157 -21.97 5.65 2.55
C LYS A 157 -20.79 5.75 3.48
N TRP A 158 -19.71 5.14 3.08
CA TRP A 158 -18.52 5.18 3.96
C TRP A 158 -17.90 6.53 4.01
N LYS A 159 -18.00 7.31 2.94
CA LYS A 159 -17.53 8.68 2.97
C LYS A 159 -18.44 9.54 3.88
N GLU A 160 -19.71 9.36 3.77
CA GLU A 160 -20.66 10.12 4.65
C GLU A 160 -20.41 9.75 6.09
N ALA A 161 -20.02 8.47 6.37
CA ALA A 161 -19.73 8.00 7.72
C ALA A 161 -18.44 8.62 8.28
N GLY A 162 -17.63 9.19 7.42
CA GLY A 162 -16.44 9.89 7.81
C GLY A 162 -15.10 9.37 7.34
N ALA A 163 -15.11 8.30 6.51
CA ALA A 163 -13.83 7.82 6.03
C ALA A 163 -13.10 8.88 5.21
N ASP A 164 -11.80 8.94 5.37
CA ASP A 164 -10.91 9.94 4.79
C ASP A 164 -10.23 9.49 3.49
N ARG A 165 -9.79 8.23 3.48
CA ARG A 165 -8.91 7.72 2.43
C ARG A 165 -9.32 6.29 2.09
N TYR A 166 -8.94 5.87 0.86
CA TYR A 166 -9.21 4.52 0.43
C TYR A 166 -8.04 4.03 -0.38
N LEU A 167 -7.52 2.83 -0.04
CA LEU A 167 -6.44 2.17 -0.75
C LEU A 167 -6.98 1.08 -1.64
N LEU A 168 -6.71 1.18 -2.93
CA LEU A 168 -7.16 0.17 -3.89
C LEU A 168 -6.06 0.02 -4.93
N ARG A 169 -5.08 -0.81 -4.59
N ARG A 169 -5.09 -0.82 -4.59
CA ARG A 169 -3.96 -1.03 -5.52
CA ARG A 169 -3.95 -1.05 -5.51
C ARG A 169 -4.46 -1.43 -6.89
C ARG A 169 -4.44 -1.46 -6.90
N HIS A 170 -3.93 -0.84 -7.93
CA HIS A 170 -4.41 -1.20 -9.32
C HIS A 170 -3.81 -2.56 -9.73
N GLU A 171 -2.82 -3.09 -8.99
CA GLU A 171 -2.20 -4.40 -9.14
C GLU A 171 -1.29 -4.59 -10.38
N THR A 172 -1.87 -4.31 -11.55
CA THR A 172 -1.16 -4.29 -12.84
C THR A 172 -2.02 -3.51 -13.79
N ALA A 173 -1.41 -2.60 -14.53
CA ALA A 173 -2.08 -1.76 -15.54
C ALA A 173 -2.18 -2.50 -16.91
N ASN A 174 -1.72 -3.73 -16.98
CA ASN A 174 -1.84 -4.52 -18.23
C ASN A 174 -3.25 -5.21 -18.10
N PRO A 175 -4.21 -4.82 -19.00
CA PRO A 175 -5.58 -5.35 -18.76
C PRO A 175 -5.70 -6.89 -18.95
N VAL A 176 -4.90 -7.40 -19.89
CA VAL A 176 -4.88 -8.85 -20.17
C VAL A 176 -4.34 -9.62 -18.96
N LEU A 177 -3.20 -9.18 -18.43
CA LEU A 177 -2.62 -9.85 -17.24
C LEU A 177 -3.53 -9.69 -16.03
N HIS A 178 -4.10 -8.49 -15.92
CA HIS A 178 -5.05 -8.20 -14.78
C HIS A 178 -6.20 -9.16 -14.77
N ARG A 179 -6.84 -9.38 -15.93
CA ARG A 179 -7.97 -10.29 -16.01
C ARG A 179 -7.57 -11.76 -15.78
N LYS A 180 -6.42 -12.17 -16.20
N LYS A 180 -6.37 -12.22 -16.21
CA LYS A 180 -5.99 -13.50 -15.92
CA LYS A 180 -5.91 -13.57 -15.95
C LYS A 180 -5.71 -13.75 -14.43
C LYS A 180 -5.63 -13.80 -14.45
N LEU A 181 -5.10 -12.76 -13.75
CA LEU A 181 -4.75 -12.91 -12.33
C LEU A 181 -5.92 -12.66 -11.39
N ARG A 182 -6.92 -11.94 -11.89
CA ARG A 182 -8.07 -11.51 -11.08
C ARG A 182 -9.37 -11.86 -11.84
N PRO A 183 -9.69 -13.14 -11.85
CA PRO A 183 -10.69 -13.63 -12.84
C PRO A 183 -12.12 -13.25 -12.52
N ASP A 184 -12.37 -12.64 -11.36
CA ASP A 184 -13.70 -12.17 -10.99
C ASP A 184 -13.98 -10.76 -11.53
N THR A 185 -12.95 -10.10 -12.04
CA THR A 185 -13.05 -8.71 -12.36
C THR A 185 -12.13 -8.29 -13.49
N SER A 186 -11.79 -7.01 -13.56
CA SER A 186 -11.05 -6.44 -14.65
C SER A 186 -10.33 -5.19 -14.28
N PHE A 187 -9.29 -4.83 -15.01
CA PHE A 187 -8.65 -3.54 -14.88
C PHE A 187 -9.66 -2.42 -15.07
N GLU A 188 -10.55 -2.51 -16.04
N GLU A 188 -10.56 -2.50 -16.04
CA GLU A 188 -11.52 -1.47 -16.23
CA GLU A 188 -11.55 -1.47 -16.24
C GLU A 188 -12.38 -1.27 -14.98
C GLU A 188 -12.40 -1.25 -14.97
N ASN A 189 -12.79 -2.34 -14.31
N ASN A 189 -12.89 -2.33 -14.37
CA ASN A 189 -13.59 -2.24 -13.07
CA ASN A 189 -13.60 -2.19 -13.07
C ASN A 189 -12.74 -1.57 -11.96
C ASN A 189 -12.76 -1.60 -11.94
N ARG A 190 -11.49 -1.99 -11.88
CA ARG A 190 -10.57 -1.48 -10.83
C ARG A 190 -10.36 0.01 -10.99
N LEU A 191 -10.08 0.46 -12.22
CA LEU A 191 -9.92 1.84 -12.51
C LEU A 191 -11.23 2.62 -12.23
N ASN A 192 -12.40 2.04 -12.62
N ASN A 192 -12.39 2.10 -12.66
CA ASN A 192 -13.65 2.78 -12.36
CA ASN A 192 -13.62 2.78 -12.34
C ASN A 192 -13.89 2.95 -10.85
C ASN A 192 -13.85 2.97 -10.85
N CYS A 193 -13.50 1.96 -10.07
CA CYS A 193 -13.57 2.13 -8.63
C CYS A 193 -12.65 3.25 -8.15
N LEU A 194 -11.40 3.28 -8.60
CA LEU A 194 -10.49 4.39 -8.27
C LEU A 194 -11.00 5.74 -8.66
N LEU A 195 -11.57 5.85 -9.87
CA LEU A 195 -12.14 7.12 -10.30
C LEU A 195 -13.36 7.52 -9.47
N THR A 196 -14.19 6.58 -9.07
CA THR A 196 -15.35 6.82 -8.21
C THR A 196 -14.92 7.32 -6.85
N LEU A 197 -13.91 6.65 -6.29
CA LEU A 197 -13.39 7.08 -5.01
C LEU A 197 -12.85 8.53 -5.05
N LYS A 198 -12.11 8.88 -6.07
N LYS A 198 -12.11 8.90 -6.06
CA LYS A 198 -11.62 10.25 -6.18
CA LYS A 198 -11.65 10.27 -6.17
C LYS A 198 -12.74 11.27 -6.37
C LYS A 198 -12.78 11.26 -6.31
N GLU A 199 -13.76 10.90 -7.11
CA GLU A 199 -14.85 11.81 -7.31
C GLU A 199 -15.62 12.07 -6.02
N LEU A 200 -15.73 11.06 -5.20
CA LEU A 200 -16.37 11.16 -3.92
C LEU A 200 -15.60 11.94 -2.86
N GLY A 201 -14.36 12.30 -3.13
CA GLY A 201 -13.55 13.15 -2.25
C GLY A 201 -12.61 12.38 -1.35
N TYR A 202 -12.44 11.08 -1.61
CA TYR A 202 -11.41 10.33 -0.82
C TYR A 202 -10.04 10.74 -1.25
N GLU A 203 -9.06 10.75 -0.35
CA GLU A 203 -7.66 10.65 -0.75
CA GLU A 203 -7.66 10.64 -0.75
C GLU A 203 -7.49 9.18 -1.19
N THR A 204 -6.99 8.97 -2.39
N THR A 204 -6.97 8.94 -2.38
CA THR A 204 -7.04 7.67 -3.03
CA THR A 204 -7.02 7.64 -3.00
C THR A 204 -5.65 7.08 -3.30
C THR A 204 -5.63 7.08 -3.26
N GLY A 205 -5.43 5.82 -2.95
CA GLY A 205 -4.21 5.09 -3.12
C GLY A 205 -4.35 4.03 -4.21
N ALA A 206 -3.36 3.98 -5.09
CA ALA A 206 -3.20 2.89 -6.05
C ALA A 206 -1.91 2.21 -5.84
N GLY A 207 -1.29 1.60 -6.84
CA GLY A 207 -0.07 0.85 -6.68
C GLY A 207 -0.15 -0.55 -7.20
N SER A 208 0.98 -1.22 -7.29
CA SER A 208 1.08 -2.48 -8.06
C SER A 208 2.08 -3.39 -7.39
N MET A 209 2.00 -4.67 -7.80
CA MET A 209 3.01 -5.63 -7.46
C MET A 209 4.05 -5.71 -8.57
N VAL A 210 5.26 -6.01 -8.14
CA VAL A 210 6.39 -6.12 -9.05
C VAL A 210 6.91 -7.58 -9.08
N GLY A 211 7.07 -8.13 -10.29
CA GLY A 211 7.55 -9.50 -10.40
C GLY A 211 6.45 -10.53 -10.54
N LEU A 212 5.25 -10.08 -10.89
CA LEU A 212 4.15 -11.01 -11.18
C LEU A 212 4.55 -11.93 -12.35
N PRO A 213 4.06 -13.18 -12.32
CA PRO A 213 4.32 -14.06 -13.51
C PRO A 213 3.75 -13.42 -14.78
N GLY A 214 4.57 -13.31 -15.82
CA GLY A 214 4.21 -12.77 -17.09
C GLY A 214 4.27 -11.28 -17.23
N GLN A 215 4.61 -10.59 -16.11
CA GLN A 215 4.73 -9.17 -16.12
C GLN A 215 6.11 -8.78 -16.67
N THR A 216 6.18 -7.87 -17.61
CA THR A 216 7.42 -7.48 -18.24
C THR A 216 7.90 -6.12 -17.74
N ILE A 217 9.11 -5.75 -18.08
CA ILE A 217 9.58 -4.37 -17.84
C ILE A 217 8.66 -3.34 -18.46
N ASP A 218 8.19 -3.59 -19.69
CA ASP A 218 7.32 -2.65 -20.34
C ASP A 218 6.03 -2.50 -19.51
N ASP A 219 5.59 -3.55 -18.92
CA ASP A 219 4.42 -3.52 -18.02
C ASP A 219 4.64 -2.58 -16.79
N LEU A 220 5.84 -2.69 -16.26
CA LEU A 220 6.20 -1.83 -15.15
C LEU A 220 6.25 -0.36 -15.53
N VAL A 221 6.81 -0.03 -16.73
CA VAL A 221 6.75 1.30 -17.27
C VAL A 221 5.30 1.80 -17.36
N ASP A 222 4.38 0.94 -17.89
CA ASP A 222 2.96 1.29 -17.96
C ASP A 222 2.35 1.57 -16.58
N ASP A 223 2.79 0.78 -15.58
CA ASP A 223 2.37 1.06 -14.15
C ASP A 223 2.82 2.47 -13.74
N LEU A 224 4.08 2.82 -13.99
CA LEU A 224 4.54 4.19 -13.66
C LEU A 224 3.74 5.30 -14.36
N LEU A 225 3.38 5.08 -15.62
CA LEU A 225 2.75 6.13 -16.37
C LEU A 225 1.30 6.27 -15.95
N PHE A 226 0.72 5.14 -15.65
CA PHE A 226 -0.62 5.14 -15.06
C PHE A 226 -0.71 5.95 -13.79
N LEU A 227 0.29 5.73 -12.96
CA LEU A 227 0.33 6.43 -11.67
C LEU A 227 0.49 7.90 -11.87
N LYS A 228 1.37 8.25 -12.78
CA LYS A 228 1.64 9.63 -13.08
C LYS A 228 0.41 10.26 -13.68
N GLU A 229 -0.26 9.53 -14.58
CA GLU A 229 -1.45 10.05 -15.23
C GLU A 229 -2.55 10.44 -14.24
N HIS A 230 -2.82 9.62 -13.26
CA HIS A 230 -3.90 9.89 -12.30
C HIS A 230 -3.51 10.66 -11.04
N ASP A 231 -2.24 10.91 -10.85
CA ASP A 231 -1.74 11.74 -9.74
C ASP A 231 -2.26 11.27 -8.39
N PHE A 232 -2.07 10.00 -8.11
CA PHE A 232 -2.68 9.45 -6.90
C PHE A 232 -2.06 10.08 -5.64
N ASP A 233 -2.86 10.21 -4.63
CA ASP A 233 -2.36 10.71 -3.32
C ASP A 233 -1.41 9.72 -2.66
N MET A 234 -1.64 8.43 -2.78
CA MET A 234 -0.82 7.37 -2.19
CA MET A 234 -0.81 7.38 -2.18
C MET A 234 -0.53 6.31 -3.24
N VAL A 235 0.64 5.72 -3.11
CA VAL A 235 1.04 4.61 -4.02
C VAL A 235 1.69 3.51 -3.18
N GLY A 236 1.08 2.35 -3.12
CA GLY A 236 1.57 1.15 -2.40
C GLY A 236 2.21 0.20 -3.39
N ILE A 237 3.50 -0.11 -3.19
CA ILE A 237 4.25 -0.96 -4.13
C ILE A 237 4.98 -2.01 -3.34
N GLY A 238 4.88 -3.27 -3.72
CA GLY A 238 5.68 -4.29 -3.16
C GLY A 238 5.95 -5.41 -4.20
N PRO A 239 6.78 -6.32 -3.80
CA PRO A 239 7.06 -7.51 -4.64
C PRO A 239 5.91 -8.50 -4.56
N PHE A 240 5.70 -9.23 -5.65
CA PHE A 240 4.95 -10.46 -5.61
C PHE A 240 5.69 -11.49 -4.77
N ILE A 241 5.01 -12.10 -3.82
CA ILE A 241 5.55 -13.17 -2.98
C ILE A 241 4.66 -14.42 -3.16
N PRO A 242 5.21 -15.50 -3.77
CA PRO A 242 4.35 -16.64 -4.04
CA PRO A 242 4.39 -16.67 -4.03
C PRO A 242 3.88 -17.33 -2.76
N HIS A 243 2.60 -17.79 -2.80
CA HIS A 243 1.99 -18.39 -1.65
C HIS A 243 1.69 -19.86 -2.03
N PRO A 244 2.05 -20.78 -1.15
CA PRO A 244 2.07 -22.20 -1.55
C PRO A 244 0.66 -22.76 -1.76
N ASP A 245 -0.39 -22.14 -1.26
CA ASP A 245 -1.78 -22.64 -1.43
C ASP A 245 -2.52 -21.90 -2.53
N THR A 246 -1.76 -21.48 -3.56
CA THR A 246 -2.30 -20.77 -4.68
C THR A 246 -1.79 -21.31 -5.97
N PRO A 247 -2.43 -20.95 -7.07
CA PRO A 247 -1.96 -21.46 -8.36
C PRO A 247 -0.64 -20.95 -8.75
N LEU A 248 -0.16 -19.88 -8.10
CA LEU A 248 1.16 -19.32 -8.46
C LEU A 248 2.26 -19.75 -7.50
N ALA A 249 2.04 -20.79 -6.78
CA ALA A 249 2.94 -21.32 -5.81
C ALA A 249 4.38 -21.50 -6.28
N ASN A 250 4.58 -21.92 -7.50
CA ASN A 250 5.91 -22.25 -8.01
C ASN A 250 6.52 -21.19 -8.87
N GLU A 251 5.93 -20.00 -8.89
CA GLU A 251 6.49 -18.93 -9.68
C GLU A 251 7.55 -18.14 -8.87
N LYS A 252 8.35 -17.37 -9.58
CA LYS A 252 9.47 -16.65 -8.92
C LYS A 252 9.00 -15.41 -8.15
N LYS A 253 9.60 -15.14 -7.00
CA LYS A 253 9.28 -13.97 -6.24
C LYS A 253 9.82 -12.75 -6.92
N GLY A 254 9.15 -11.61 -6.72
CA GLY A 254 9.64 -10.36 -7.22
C GLY A 254 10.99 -9.94 -6.65
N ASP A 255 11.78 -9.27 -7.45
CA ASP A 255 13.11 -8.85 -7.07
C ASP A 255 13.01 -7.60 -6.20
N PHE A 256 13.73 -7.65 -5.11
CA PHE A 256 13.72 -6.46 -4.19
C PHE A 256 14.29 -5.21 -4.86
N THR A 257 15.46 -5.29 -5.52
CA THR A 257 16.06 -4.11 -6.10
C THR A 257 15.17 -3.48 -7.18
N LEU A 258 14.52 -4.33 -8.03
CA LEU A 258 13.70 -3.77 -9.09
C LEU A 258 12.48 -3.06 -8.46
N THR A 259 11.97 -3.70 -7.38
CA THR A 259 10.79 -3.15 -6.67
C THR A 259 11.18 -1.78 -6.05
N LEU A 260 12.36 -1.73 -5.47
CA LEU A 260 12.91 -0.50 -4.88
C LEU A 260 13.05 0.60 -5.94
N LYS A 261 13.50 0.22 -7.16
CA LYS A 261 13.55 1.19 -8.22
C LYS A 261 12.17 1.72 -8.64
N MET A 262 11.14 0.86 -8.55
CA MET A 262 9.78 1.29 -8.79
C MET A 262 9.32 2.31 -7.76
N VAL A 263 9.67 2.06 -6.51
CA VAL A 263 9.39 3.05 -5.43
C VAL A 263 10.10 4.35 -5.71
N ALA A 264 11.39 4.28 -6.02
CA ALA A 264 12.22 5.49 -6.26
C ALA A 264 11.60 6.29 -7.45
N LEU A 265 11.32 5.63 -8.57
CA LEU A 265 10.73 6.31 -9.67
C LEU A 265 9.37 6.92 -9.43
N THR A 266 8.55 6.22 -8.59
CA THR A 266 7.26 6.75 -8.16
C THR A 266 7.42 8.06 -7.43
N ARG A 267 8.39 8.13 -6.53
CA ARG A 267 8.66 9.40 -5.81
C ARG A 267 9.10 10.49 -6.77
N ILE A 268 10.00 10.16 -7.73
CA ILE A 268 10.47 11.17 -8.68
C ILE A 268 9.30 11.67 -9.55
N LEU A 269 8.40 10.75 -9.95
CA LEU A 269 7.25 11.10 -10.76
C LEU A 269 6.17 11.87 -10.02
N LEU A 270 5.97 11.52 -8.73
CA LEU A 270 4.92 12.05 -7.88
C LEU A 270 5.53 12.60 -6.60
N PRO A 271 6.22 13.74 -6.68
CA PRO A 271 7.08 14.15 -5.61
C PRO A 271 6.39 14.45 -4.29
N ASP A 272 5.12 14.85 -4.34
CA ASP A 272 4.39 15.21 -3.13
C ASP A 272 3.44 14.11 -2.65
N SER A 273 3.57 12.88 -3.16
CA SER A 273 2.66 11.82 -2.83
C SER A 273 3.11 11.13 -1.48
N ASN A 274 2.20 10.37 -0.88
CA ASN A 274 2.49 9.56 0.30
C ASN A 274 2.75 8.12 -0.21
N ILE A 275 3.94 7.62 0.15
CA ILE A 275 4.41 6.35 -0.37
C ILE A 275 4.90 5.48 0.81
N PRO A 276 4.17 4.35 1.04
CA PRO A 276 4.66 3.49 2.14
C PRO A 276 5.86 2.61 1.80
N ALA A 277 6.64 2.29 2.85
CA ALA A 277 7.60 1.21 2.84
C ALA A 277 6.84 -0.03 3.28
N THR A 278 6.40 -0.86 2.34
CA THR A 278 5.44 -1.89 2.63
C THR A 278 5.98 -3.08 3.41
N THR A 279 5.05 -3.76 4.07
CA THR A 279 5.39 -5.01 4.75
C THR A 279 6.00 -6.06 3.82
N ALA A 280 5.53 -6.12 2.60
CA ALA A 280 6.11 -7.08 1.64
C ALA A 280 7.61 -6.76 1.39
N MET A 281 7.98 -5.50 1.37
CA MET A 281 9.41 -5.14 1.20
C MET A 281 10.24 -5.60 2.40
N GLY A 282 9.68 -5.53 3.62
CA GLY A 282 10.37 -6.02 4.79
C GLY A 282 10.35 -7.54 5.00
N THR A 283 9.49 -8.19 4.23
CA THR A 283 9.39 -9.66 4.22
C THR A 283 10.41 -10.28 3.31
N ILE A 284 10.64 -9.71 2.13
N ILE A 284 10.63 -9.67 2.17
CA ILE A 284 11.57 -10.38 1.20
CA ILE A 284 11.50 -10.27 1.19
C ILE A 284 13.00 -10.11 1.53
C ILE A 284 12.99 -10.03 1.47
N VAL A 285 13.32 -8.99 2.22
CA VAL A 285 14.67 -8.71 2.60
C VAL A 285 14.65 -8.22 4.04
N PRO A 286 15.52 -8.76 4.93
CA PRO A 286 15.59 -8.22 6.24
C PRO A 286 16.04 -6.77 6.22
N GLY A 287 15.25 -5.91 6.87
CA GLY A 287 15.54 -4.48 6.82
C GLY A 287 14.99 -3.77 5.58
N GLY A 288 14.13 -4.44 4.82
CA GLY A 288 13.68 -3.89 3.55
C GLY A 288 12.87 -2.63 3.68
N ARG A 289 12.09 -2.49 4.76
CA ARG A 289 11.32 -1.25 4.97
C ARG A 289 12.21 -0.05 5.20
N GLU A 290 13.25 -0.23 6.01
CA GLU A 290 14.17 0.84 6.32
C GLU A 290 14.90 1.29 5.05
N ILE A 291 15.33 0.36 4.20
CA ILE A 291 15.94 0.77 2.94
C ILE A 291 14.93 1.58 2.12
N THR A 292 13.68 1.11 2.07
CA THR A 292 12.69 1.75 1.21
C THR A 292 12.39 3.16 1.67
N LEU A 293 12.38 3.38 3.00
CA LEU A 293 12.22 4.71 3.59
C LEU A 293 13.36 5.63 3.23
N ARG A 294 14.50 5.11 2.79
CA ARG A 294 15.63 5.93 2.34
C ARG A 294 15.76 6.01 0.85
N CYS A 295 14.74 5.53 0.10
CA CYS A 295 14.80 5.54 -1.36
C CYS A 295 13.50 6.07 -1.90
N GLY A 296 12.78 6.89 -1.11
CA GLY A 296 11.62 7.61 -1.61
C GLY A 296 10.38 7.50 -0.74
N ALA A 297 10.29 6.47 0.07
CA ALA A 297 9.09 6.28 0.91
C ALA A 297 9.07 7.23 2.13
N ASN A 298 7.86 7.50 2.61
CA ASN A 298 7.65 8.40 3.75
C ASN A 298 6.53 7.99 4.67
N VAL A 299 6.04 6.77 4.55
CA VAL A 299 4.92 6.23 5.33
C VAL A 299 5.32 4.79 5.75
N ILE A 300 4.84 4.44 6.95
CA ILE A 300 4.98 3.03 7.43
C ILE A 300 3.68 2.61 8.04
N MET A 301 3.34 1.33 7.91
CA MET A 301 2.07 0.81 8.33
CA MET A 301 2.06 0.79 8.37
C MET A 301 2.28 -0.37 9.37
N PRO A 302 2.47 -0.04 10.62
CA PRO A 302 2.71 -1.10 11.67
C PRO A 302 1.47 -2.01 11.76
N ASN A 303 1.67 -3.31 11.82
N ASN A 303 1.67 -3.32 11.80
CA ASN A 303 0.56 -4.25 11.91
CA ASN A 303 0.56 -4.24 11.93
C ASN A 303 -0.06 -4.17 13.30
C ASN A 303 -0.06 -4.17 13.30
N TRP A 304 -1.33 -3.82 13.38
CA TRP A 304 -2.04 -3.73 14.64
C TRP A 304 -3.14 -4.77 14.78
N THR A 305 -3.10 -5.80 13.98
CA THR A 305 -4.10 -6.86 14.08
C THR A 305 -3.79 -7.65 15.35
N PRO A 306 -4.80 -7.88 16.18
CA PRO A 306 -4.49 -8.62 17.44
C PRO A 306 -4.35 -10.13 17.23
N SER A 307 -3.62 -10.80 18.12
CA SER A 307 -3.67 -12.25 18.14
C SER A 307 -5.05 -12.57 18.69
N PRO A 308 -5.68 -13.72 18.31
CA PRO A 308 -5.01 -14.68 17.46
C PRO A 308 -5.24 -14.61 15.99
N TYR A 309 -5.74 -13.48 15.51
CA TYR A 309 -6.06 -13.34 14.13
C TYR A 309 -4.88 -12.95 13.26
N ARG A 310 -3.96 -12.22 13.82
CA ARG A 310 -2.80 -11.74 13.10
C ARG A 310 -2.16 -12.80 12.26
N GLN A 311 -1.90 -13.96 12.92
CA GLN A 311 -1.25 -15.04 12.24
C GLN A 311 -2.07 -15.71 11.16
N LEU A 312 -3.35 -15.39 11.04
CA LEU A 312 -4.21 -15.96 10.02
C LEU A 312 -4.41 -15.12 8.79
N TYR A 313 -3.85 -13.90 8.78
CA TYR A 313 -3.97 -13.03 7.62
C TYR A 313 -2.80 -13.31 6.74
N GLN A 314 -2.82 -14.50 6.13
CA GLN A 314 -1.67 -15.15 5.36
C GLN A 314 -1.71 -14.83 3.83
N LEU A 315 -1.70 -13.55 3.40
CA LEU A 315 -1.79 -13.14 1.98
C LEU A 315 -0.66 -13.81 1.23
N TYR A 316 0.50 -13.81 1.93
CA TYR A 316 1.74 -14.38 1.44
C TYR A 316 2.51 -14.94 2.61
N PRO A 317 3.39 -15.95 2.36
CA PRO A 317 4.09 -16.53 3.54
C PRO A 317 5.29 -15.70 4.00
N GLY A 318 5.67 -15.94 5.27
CA GLY A 318 6.83 -15.29 5.82
C GLY A 318 6.59 -13.92 6.38
N LYS A 319 5.34 -13.50 6.38
CA LYS A 319 5.03 -12.14 6.81
C LYS A 319 5.68 -11.81 8.13
N ILE A 320 6.33 -10.63 8.21
CA ILE A 320 6.97 -10.21 9.45
C ILE A 320 6.04 -9.72 10.54
N SER A 321 6.50 -9.59 11.75
N SER A 321 6.54 -9.61 11.71
CA SER A 321 5.67 -9.01 12.79
CA SER A 321 5.75 -9.07 12.77
C SER A 321 4.62 -9.86 13.42
C SER A 321 4.68 -9.90 13.40
N VAL A 322 4.71 -11.13 13.11
CA VAL A 322 3.69 -12.00 13.63
C VAL A 322 4.04 -12.63 14.94
N PHE A 323 5.29 -12.86 15.26
CA PHE A 323 5.61 -13.48 16.53
C PHE A 323 5.70 -12.62 17.77
N GLU A 324 5.56 -11.34 17.62
CA GLU A 324 5.72 -10.42 18.74
C GLU A 324 4.40 -10.12 19.42
N LYS A 325 4.49 -9.47 20.54
CA LYS A 325 3.35 -9.10 21.33
C LYS A 325 2.61 -8.15 20.43
N ASP A 326 1.30 -8.18 20.48
CA ASP A 326 0.57 -7.41 19.51
C ASP A 326 0.56 -5.91 19.69
N THR A 327 1.19 -5.36 20.71
CA THR A 327 1.31 -3.95 20.84
C THR A 327 2.77 -3.50 20.51
N ALA A 328 3.56 -4.39 20.03
CA ALA A 328 4.99 -4.07 19.78
C ALA A 328 5.27 -3.18 18.50
N SER A 329 4.38 -3.27 17.48
CA SER A 329 4.70 -2.64 16.21
C SER A 329 4.76 -1.17 16.23
N ILE A 330 3.82 -0.52 16.85
CA ILE A 330 3.90 0.92 16.96
C ILE A 330 5.20 1.39 17.63
N PRO A 331 5.55 0.88 18.81
CA PRO A 331 6.83 1.29 19.40
C PRO A 331 7.99 0.93 18.48
N SER A 332 7.95 -0.23 17.85
N SER A 332 7.99 -0.23 17.83
CA SER A 332 9.03 -0.64 16.98
CA SER A 332 9.08 -0.63 16.96
C SER A 332 9.26 0.33 15.82
C SER A 332 9.28 0.34 15.80
N VAL A 333 8.18 0.78 15.19
CA VAL A 333 8.30 1.75 14.10
C VAL A 333 8.70 3.12 14.60
N MET A 334 8.35 3.47 15.83
CA MET A 334 8.85 4.71 16.39
CA MET A 334 8.85 4.73 16.48
C MET A 334 10.37 4.66 16.61
N LYS A 335 10.87 3.53 17.04
CA LYS A 335 12.36 3.34 17.19
C LYS A 335 12.98 3.41 15.79
N MET A 336 12.38 2.73 14.82
CA MET A 336 12.92 2.74 13.43
C MET A 336 13.07 4.17 12.89
N ILE A 337 11.99 4.95 13.06
CA ILE A 337 11.97 6.33 12.59
C ILE A 337 13.13 7.14 13.23
N GLU A 338 13.30 6.97 14.53
CA GLU A 338 14.42 7.66 15.24
C GLU A 338 15.78 7.20 14.75
N LEU A 339 16.00 5.86 14.60
CA LEU A 339 17.35 5.41 14.19
C LEU A 339 17.66 5.80 12.75
N LEU A 340 16.61 6.04 11.95
CA LEU A 340 16.78 6.56 10.59
C LEU A 340 17.04 8.07 10.55
N GLY A 341 16.99 8.73 11.71
CA GLY A 341 17.19 10.18 11.82
C GLY A 341 16.04 10.93 11.25
N ARG A 342 14.84 10.35 11.33
CA ARG A 342 13.59 10.94 10.84
C ARG A 342 12.69 11.33 12.01
N LYS A 343 11.52 11.89 11.76
CA LYS A 343 10.58 12.35 12.82
C LYS A 343 9.23 11.78 12.67
N PRO A 344 8.52 11.48 13.76
CA PRO A 344 7.19 10.94 13.49
C PRO A 344 6.25 12.07 12.95
N GLY A 345 5.23 11.74 12.21
CA GLY A 345 4.20 12.64 11.79
C GLY A 345 3.49 13.36 12.91
N ARG A 346 3.28 14.65 12.69
CA ARG A 346 2.71 15.53 13.72
C ARG A 346 1.19 15.69 13.60
N ASP A 347 0.63 15.42 12.43
CA ASP A 347 -0.78 15.57 12.09
C ASP A 347 -1.25 14.32 11.40
N TRP A 348 -2.37 14.34 10.69
CA TRP A 348 -2.86 13.13 10.07
C TRP A 348 -2.05 12.69 8.87
N GLY A 349 -1.14 13.55 8.38
CA GLY A 349 -0.32 13.14 7.26
C GLY A 349 -1.07 13.03 5.96
N GLY A 350 -2.09 13.88 5.72
CA GLY A 350 -2.73 13.95 4.49
C GLY A 350 -1.79 14.52 3.42
N ARG A 351 -2.10 14.31 2.14
CA ARG A 351 -1.24 14.80 1.13
C ARG A 351 -1.17 16.34 1.15
N LYS A 352 0.01 16.87 1.00
CA LYS A 352 0.22 18.36 1.02
C LYS A 352 0.73 18.69 -0.36
N ARG A 353 -0.19 18.99 -1.29
CA ARG A 353 0.21 19.20 -2.67
C ARG A 353 1.07 20.43 -2.89
N VAL A 354 2.09 20.33 -3.72
CA VAL A 354 2.91 21.44 -4.09
C VAL A 354 2.61 21.67 -5.56
N PHE A 355 1.89 22.75 -5.85
CA PHE A 355 1.51 23.04 -7.23
C PHE A 355 2.71 23.46 -8.09
N GLU A 356 2.82 22.83 -9.23
CA GLU A 356 3.92 23.13 -10.08
C GLU A 356 3.46 23.71 -11.37
N THR A 357 4.37 23.84 -12.29
CA THR A 357 4.00 24.51 -13.52
C THR A 357 3.28 23.63 -14.52
#